data_7QCT
#
_entry.id   7QCT
#
_cell.length_a   183.23
_cell.length_b   183.23
_cell.length_c   183.23
_cell.angle_alpha   90
_cell.angle_beta   90
_cell.angle_gamma   90
#
_symmetry.space_group_name_H-M   'I 4 3 2'
#
loop_
_entity.id
_entity.type
_entity.pdbx_description
1 polymer 'Ligand of Numb protein X 2'
2 polymer 'Envelope small membrane protein'
3 water water
#
loop_
_entity_poly.entity_id
_entity_poly.type
_entity_poly.pdbx_seq_one_letter_code
_entity_poly.pdbx_strand_id
1 'polypeptide(L)'
;GREEIFQVALHKRDSGEQLGIKLVRRTDEPGVFILDLLEGGLAAQDGRLSSNDRVLAINGHDLKYGTPELAAQIIQASGE
RVNLTIARPGKPQP
;
A,B
2 'polypeptide(L)' NLNSSRVPDLLV C,D
#
# COMPACT_ATOMS: atom_id res chain seq x y z
N ARG A 2 4.94 -11.49 -20.50
CA ARG A 2 5.73 -10.27 -20.31
C ARG A 2 6.82 -10.22 -21.40
N GLU A 3 6.43 -10.08 -22.67
CA GLU A 3 7.37 -10.08 -23.78
C GLU A 3 8.03 -8.68 -24.06
N GLU A 4 7.62 -7.64 -23.32
CA GLU A 4 8.17 -6.31 -23.49
C GLU A 4 8.13 -5.55 -22.18
N ILE A 5 9.26 -5.00 -21.76
CA ILE A 5 9.36 -4.26 -20.49
C ILE A 5 9.74 -2.81 -20.77
N PHE A 6 8.99 -1.88 -20.19
CA PHE A 6 9.21 -0.47 -20.43
C PHE A 6 8.70 0.41 -19.29
N GLN A 7 9.05 1.69 -19.29
CA GLN A 7 8.58 2.62 -18.30
C GLN A 7 7.70 3.69 -18.94
N VAL A 8 6.68 4.09 -18.21
CA VAL A 8 5.73 5.11 -18.61
C VAL A 8 5.58 6.00 -17.40
N ALA A 9 5.85 7.30 -17.55
CA ALA A 9 5.75 8.22 -16.44
C ALA A 9 4.58 9.17 -16.62
N LEU A 10 3.61 9.13 -15.71
CA LEU A 10 2.45 10.01 -15.74
C LEU A 10 2.64 11.22 -14.84
N HIS A 11 2.07 12.36 -15.22
CA HIS A 11 2.23 13.58 -14.43
C HIS A 11 0.92 14.14 -13.87
N LYS A 12 0.69 13.90 -12.58
CA LYS A 12 -0.47 14.39 -11.87
C LYS A 12 -0.50 15.92 -11.90
N ARG A 13 -1.57 16.48 -12.47
CA ARG A 13 -1.73 17.92 -12.53
C ARG A 13 -2.02 18.50 -11.13
N ASP A 14 -2.62 17.69 -10.24
CA ASP A 14 -2.88 18.06 -8.85
C ASP A 14 -2.50 16.90 -7.93
N SER A 15 -2.11 17.23 -6.69
CA SER A 15 -1.69 16.32 -5.62
C SER A 15 -2.58 15.09 -5.46
N GLY A 16 -3.89 15.30 -5.57
CA GLY A 16 -4.85 14.23 -5.41
C GLY A 16 -5.42 13.65 -6.69
N GLU A 17 -4.80 13.94 -7.83
CA GLU A 17 -5.29 13.46 -9.10
C GLU A 17 -5.12 11.93 -9.25
N GLN A 18 -6.17 11.25 -9.66
CA GLN A 18 -6.14 9.82 -9.91
C GLN A 18 -5.45 9.61 -11.24
N LEU A 19 -4.77 8.48 -11.38
CA LEU A 19 -4.16 8.12 -12.65
C LEU A 19 -5.20 7.62 -13.66
N GLY A 20 -6.30 7.06 -13.18
CA GLY A 20 -7.34 6.54 -14.06
C GLY A 20 -6.93 5.20 -14.64
N ILE A 21 -6.44 4.32 -13.76
CA ILE A 21 -5.99 2.96 -14.07
C ILE A 21 -6.76 2.02 -13.16
N LYS A 22 -7.42 0.99 -13.70
CA LYS A 22 -8.12 0.02 -12.86
C LYS A 22 -7.21 -1.15 -12.65
N LEU A 23 -6.62 -1.28 -11.46
CA LEU A 23 -5.72 -2.38 -11.13
C LEU A 23 -6.43 -3.56 -10.52
N VAL A 24 -6.27 -4.74 -11.12
CA VAL A 24 -6.88 -5.98 -10.63
C VAL A 24 -5.82 -7.08 -10.56
N ARG A 25 -6.05 -8.11 -9.74
CA ARG A 25 -5.14 -9.24 -9.70
C ARG A 25 -5.78 -10.44 -10.39
N ARG A 26 -4.97 -11.33 -10.99
CA ARG A 26 -5.51 -12.50 -11.69
C ARG A 26 -5.49 -13.67 -10.73
N THR A 27 -6.49 -14.58 -10.82
CA THR A 27 -6.48 -15.71 -9.93
C THR A 27 -5.55 -16.84 -10.37
N ASP A 28 -4.97 -16.75 -11.57
CA ASP A 28 -4.14 -17.81 -12.10
C ASP A 28 -2.61 -17.53 -12.03
N GLU A 29 -2.19 -16.30 -11.69
CA GLU A 29 -0.78 -15.93 -11.66
C GLU A 29 -0.49 -14.74 -10.73
N PRO A 30 0.72 -14.60 -10.13
CA PRO A 30 0.95 -13.45 -9.24
C PRO A 30 1.19 -12.14 -10.00
N GLY A 31 0.96 -11.01 -9.33
CA GLY A 31 1.18 -9.72 -9.95
C GLY A 31 -0.02 -8.80 -9.90
N VAL A 32 0.20 -7.52 -10.27
CA VAL A 32 -0.83 -6.47 -10.34
C VAL A 32 -1.00 -6.13 -11.81
N PHE A 33 -2.23 -6.16 -12.33
CA PHE A 33 -2.46 -5.95 -13.75
C PHE A 33 -3.46 -4.85 -14.08
N ILE A 34 -3.27 -4.15 -15.19
CA ILE A 34 -4.18 -3.11 -15.62
C ILE A 34 -5.36 -3.75 -16.34
N LEU A 35 -6.54 -3.71 -15.73
CA LEU A 35 -7.75 -4.28 -16.29
C LEU A 35 -8.26 -3.39 -17.41
N ASP A 36 -8.35 -2.07 -17.13
CA ASP A 36 -8.82 -1.08 -18.08
C ASP A 36 -8.32 0.31 -17.72
N LEU A 37 -8.30 1.20 -18.70
CA LEU A 37 -7.92 2.59 -18.46
C LEU A 37 -9.17 3.44 -18.50
N LEU A 38 -9.31 4.33 -17.52
CA LEU A 38 -10.49 5.17 -17.42
C LEU A 38 -10.53 6.22 -18.50
N GLU A 39 -11.60 6.21 -19.25
CA GLU A 39 -11.89 7.09 -20.38
C GLU A 39 -11.60 8.57 -20.09
N GLY A 40 -10.61 9.12 -20.78
CA GLY A 40 -10.26 10.52 -20.60
C GLY A 40 -9.38 10.81 -19.39
N GLY A 41 -9.02 9.77 -18.63
CA GLY A 41 -8.17 9.87 -17.45
C GLY A 41 -6.74 10.23 -17.77
N LEU A 42 -5.87 10.24 -16.75
CA LEU A 42 -4.48 10.63 -16.94
C LEU A 42 -3.74 9.62 -17.83
N ALA A 43 -3.85 8.33 -17.49
CA ALA A 43 -3.18 7.25 -18.21
C ALA A 43 -3.76 7.05 -19.59
N ALA A 44 -5.08 7.22 -19.73
CA ALA A 44 -5.73 7.06 -21.02
C ALA A 44 -5.34 8.20 -21.97
N GLN A 45 -5.11 9.41 -21.44
CA GLN A 45 -4.69 10.53 -22.30
C GLN A 45 -3.25 10.37 -22.77
N ASP A 46 -2.41 9.77 -21.94
CA ASP A 46 -1.03 9.45 -22.30
C ASP A 46 -1.04 8.41 -23.42
N GLY A 47 -1.89 7.38 -23.29
CA GLY A 47 -2.08 6.35 -24.30
C GLY A 47 -1.02 5.27 -24.33
N ARG A 48 0.11 5.48 -23.62
CA ARG A 48 1.19 4.51 -23.62
C ARG A 48 0.74 3.23 -22.95
N LEU A 49 0.00 3.33 -21.82
CA LEU A 49 -0.48 2.13 -21.15
C LEU A 49 -1.66 1.47 -21.90
N SER A 50 -1.96 0.20 -21.54
CA SER A 50 -3.01 -0.57 -22.18
C SER A 50 -3.53 -1.68 -21.23
N SER A 51 -4.69 -2.27 -21.55
CA SER A 51 -5.23 -3.38 -20.78
C SER A 51 -4.31 -4.59 -20.91
N ASN A 52 -4.28 -5.44 -19.87
CA ASN A 52 -3.46 -6.64 -19.76
C ASN A 52 -1.97 -6.37 -19.43
N ASP A 53 -1.61 -5.12 -19.15
CA ASP A 53 -0.24 -4.80 -18.78
C ASP A 53 -0.01 -5.18 -17.35
N ARG A 54 1.22 -5.58 -16.99
CA ARG A 54 1.52 -5.92 -15.61
C ARG A 54 2.30 -4.80 -15.01
N VAL A 55 1.91 -4.32 -13.83
CA VAL A 55 2.65 -3.27 -13.17
C VAL A 55 3.75 -3.91 -12.31
N LEU A 56 5.00 -3.89 -12.81
CA LEU A 56 6.13 -4.48 -12.11
C LEU A 56 6.60 -3.62 -10.96
N ALA A 57 6.49 -2.29 -11.11
CA ALA A 57 6.92 -1.33 -10.09
C ALA A 57 6.33 0.05 -10.34
N ILE A 58 6.15 0.85 -9.27
CA ILE A 58 5.68 2.24 -9.36
C ILE A 58 6.72 3.05 -8.61
N ASN A 59 7.43 3.94 -9.29
CA ASN A 59 8.46 4.76 -8.67
C ASN A 59 9.56 3.92 -8.01
N GLY A 60 9.95 2.84 -8.68
CA GLY A 60 10.98 1.94 -8.17
C GLY A 60 10.54 0.99 -7.07
N HIS A 61 9.27 1.09 -6.63
CA HIS A 61 8.75 0.23 -5.57
C HIS A 61 8.25 -1.03 -6.18
N ASP A 62 8.85 -2.16 -5.79
CA ASP A 62 8.53 -3.48 -6.35
C ASP A 62 7.10 -3.94 -6.11
N LEU A 63 6.39 -4.14 -7.21
CA LEU A 63 5.02 -4.63 -7.19
C LEU A 63 4.89 -6.00 -7.92
N LYS A 64 6.00 -6.76 -7.99
CA LYS A 64 6.06 -8.07 -8.63
C LYS A 64 5.07 -9.00 -7.95
N TYR A 65 5.13 -9.08 -6.61
CA TYR A 65 4.16 -9.89 -5.88
C TYR A 65 3.23 -8.99 -5.06
N GLY A 66 2.91 -7.81 -5.58
CA GLY A 66 2.09 -6.83 -4.90
C GLY A 66 0.60 -7.05 -5.04
N THR A 67 -0.16 -6.06 -4.53
CA THR A 67 -1.62 -6.00 -4.52
C THR A 67 -2.05 -4.63 -5.04
N PRO A 68 -3.26 -4.49 -5.63
CA PRO A 68 -3.69 -3.16 -6.10
C PRO A 68 -3.79 -2.11 -4.98
N GLU A 69 -4.01 -2.54 -3.72
CA GLU A 69 -4.06 -1.62 -2.58
C GLU A 69 -2.66 -1.08 -2.28
N LEU A 70 -1.61 -1.92 -2.37
CA LEU A 70 -0.23 -1.45 -2.17
C LEU A 70 0.13 -0.47 -3.28
N ALA A 71 -0.28 -0.75 -4.53
CA ALA A 71 -0.01 0.12 -5.66
C ALA A 71 -0.63 1.50 -5.44
N ALA A 72 -1.89 1.54 -4.95
CA ALA A 72 -2.60 2.78 -4.65
C ALA A 72 -1.91 3.59 -3.57
N GLN A 73 -1.36 2.91 -2.56
CA GLN A 73 -0.65 3.57 -1.45
C GLN A 73 0.67 4.19 -1.92
N ILE A 74 1.35 3.54 -2.88
CA ILE A 74 2.61 4.05 -3.43
C ILE A 74 2.31 5.30 -4.28
N ILE A 75 1.18 5.29 -5.03
CA ILE A 75 0.76 6.41 -5.85
C ILE A 75 0.34 7.58 -4.95
N GLN A 76 -0.36 7.27 -3.85
CA GLN A 76 -0.77 8.31 -2.89
C GLN A 76 0.44 8.96 -2.26
N ALA A 77 1.48 8.18 -1.96
CA ALA A 77 2.72 8.68 -1.35
C ALA A 77 3.64 9.40 -2.35
N SER A 78 3.48 9.13 -3.65
CA SER A 78 4.32 9.72 -4.69
C SER A 78 4.06 11.22 -4.92
N GLY A 79 5.00 11.89 -5.57
CA GLY A 79 4.83 13.29 -5.93
C GLY A 79 3.98 13.41 -7.18
N GLU A 80 4.29 14.40 -8.03
CA GLU A 80 3.54 14.60 -9.27
C GLU A 80 3.90 13.59 -10.33
N ARG A 81 5.16 13.11 -10.35
CA ARG A 81 5.58 12.12 -11.33
C ARG A 81 5.33 10.75 -10.79
N VAL A 82 4.57 9.95 -11.52
CA VAL A 82 4.34 8.57 -11.16
C VAL A 82 4.99 7.75 -12.25
N ASN A 83 6.14 7.08 -11.96
CA ASN A 83 6.89 6.28 -12.94
C ASN A 83 6.55 4.79 -12.90
N LEU A 84 5.67 4.35 -13.79
CA LEU A 84 5.26 2.96 -13.86
C LEU A 84 6.21 2.12 -14.70
N THR A 85 6.53 0.90 -14.26
CA THR A 85 7.38 -0.03 -15.01
C THR A 85 6.48 -1.17 -15.37
N ILE A 86 6.27 -1.35 -16.65
CA ILE A 86 5.30 -2.26 -17.20
C ILE A 86 5.91 -3.43 -17.92
N ALA A 87 5.22 -4.58 -17.86
CA ALA A 87 5.59 -5.78 -18.59
C ALA A 87 4.37 -6.15 -19.43
N ARG A 88 4.41 -5.83 -20.73
CA ARG A 88 3.34 -6.07 -21.68
C ARG A 88 3.52 -7.43 -22.31
N PRO A 89 2.51 -8.29 -22.26
CA PRO A 89 2.65 -9.62 -22.87
C PRO A 89 2.78 -9.59 -24.40
N GLY A 90 3.09 -10.73 -25.01
CA GLY A 90 3.22 -10.82 -26.46
C GLY A 90 1.90 -10.90 -27.20
N LYS A 91 1.83 -11.74 -28.24
CA LYS A 91 0.60 -11.89 -29.02
C LYS A 91 0.39 -13.36 -29.38
N ARG B 2 13.68 5.72 -1.73
CA ARG B 2 14.24 5.96 -0.40
C ARG B 2 13.40 5.32 0.67
N GLU B 3 12.10 5.64 0.70
CA GLU B 3 11.17 5.06 1.68
C GLU B 3 10.84 3.60 1.29
N GLU B 4 10.34 2.82 2.22
CA GLU B 4 9.97 1.44 1.94
C GLU B 4 8.49 1.31 2.15
N ILE B 5 7.70 1.10 1.07
CA ILE B 5 6.27 0.88 1.23
C ILE B 5 5.98 -0.61 1.01
N PHE B 6 5.33 -1.25 1.97
CA PHE B 6 5.05 -2.68 1.92
C PHE B 6 3.82 -3.05 2.75
N GLN B 7 3.33 -4.28 2.58
CA GLN B 7 2.19 -4.76 3.36
C GLN B 7 2.59 -5.93 4.21
N VAL B 8 1.99 -6.00 5.39
CA VAL B 8 2.22 -7.02 6.40
C VAL B 8 0.86 -7.42 6.91
N ALA B 9 0.50 -8.71 6.86
CA ALA B 9 -0.78 -9.18 7.36
C ALA B 9 -0.61 -10.05 8.59
N LEU B 10 -1.16 -9.62 9.72
CA LEU B 10 -1.09 -10.38 10.97
C LEU B 10 -2.36 -11.20 11.18
N HIS B 11 -2.26 -12.34 11.84
CA HIS B 11 -3.41 -13.19 12.04
C HIS B 11 -3.76 -13.41 13.49
N LYS B 12 -4.82 -12.75 13.96
CA LYS B 12 -5.35 -12.86 15.30
C LYS B 12 -5.82 -14.29 15.52
N ARG B 13 -5.18 -15.02 16.46
CA ARG B 13 -5.59 -16.40 16.77
C ARG B 13 -6.95 -16.43 17.49
N ASP B 14 -7.29 -15.37 18.23
CA ASP B 14 -8.57 -15.23 18.90
C ASP B 14 -9.13 -13.83 18.63
N SER B 15 -10.46 -13.71 18.64
CA SER B 15 -11.26 -12.50 18.40
C SER B 15 -10.73 -11.26 19.14
N GLY B 16 -10.29 -11.45 20.38
CA GLY B 16 -9.79 -10.34 21.18
C GLY B 16 -8.29 -10.27 21.32
N GLU B 17 -7.55 -10.97 20.45
CA GLU B 17 -6.10 -10.95 20.53
C GLU B 17 -5.52 -9.61 20.14
N GLN B 18 -4.61 -9.09 20.96
CA GLN B 18 -3.92 -7.85 20.68
C GLN B 18 -2.84 -8.15 19.68
N LEU B 19 -2.54 -7.18 18.81
CA LEU B 19 -1.45 -7.31 17.86
C LEU B 19 -0.08 -7.17 18.54
N GLY B 20 -0.02 -6.42 19.64
CA GLY B 20 1.23 -6.21 20.34
C GLY B 20 2.05 -5.16 19.64
N ILE B 21 1.40 -4.06 19.26
CA ILE B 21 1.98 -2.90 18.58
C ILE B 21 1.63 -1.67 19.40
N LYS B 22 2.64 -0.84 19.76
CA LYS B 22 2.41 0.40 20.52
C LYS B 22 2.30 1.58 19.54
N LEU B 23 1.08 2.01 19.18
CA LEU B 23 0.91 3.12 18.22
C LEU B 23 0.91 4.49 18.87
N VAL B 24 1.83 5.35 18.44
CA VAL B 24 1.94 6.71 18.97
C VAL B 24 1.99 7.75 17.84
N ARG B 25 1.75 9.01 18.23
CA ARG B 25 1.82 10.24 17.46
C ARG B 25 3.13 11.04 17.82
N ARG B 26 3.26 12.29 17.31
CA ARG B 26 4.37 13.26 17.46
C ARG B 26 3.85 14.62 16.89
N THR B 27 4.06 15.71 17.61
CA THR B 27 3.59 17.04 17.21
C THR B 27 4.34 17.64 16.01
N ASP B 28 5.27 16.89 15.41
CA ASP B 28 6.13 17.41 14.36
C ASP B 28 5.68 16.99 12.93
N GLU B 29 4.85 15.94 12.81
CA GLU B 29 4.40 15.46 11.50
C GLU B 29 3.11 14.63 11.59
N PRO B 30 2.23 14.62 10.56
CA PRO B 30 1.01 13.80 10.66
C PRO B 30 1.27 12.32 10.45
N GLY B 31 0.36 11.49 10.95
CA GLY B 31 0.48 10.05 10.79
C GLY B 31 0.42 9.25 12.07
N VAL B 32 0.31 7.90 11.95
CA VAL B 32 0.28 6.96 13.07
C VAL B 32 1.56 6.14 12.98
N PHE B 33 2.34 6.06 14.07
CA PHE B 33 3.63 5.39 14.02
C PHE B 33 3.83 4.30 15.05
N ILE B 34 4.57 3.25 14.72
CA ILE B 34 4.87 2.16 15.65
C ILE B 34 6.03 2.57 16.53
N LEU B 35 5.74 2.80 17.81
CA LEU B 35 6.76 3.17 18.80
C LEU B 35 7.62 1.97 19.14
N ASP B 36 6.98 0.84 19.45
CA ASP B 36 7.66 -0.39 19.82
C ASP B 36 6.76 -1.60 19.61
N LEU B 37 7.36 -2.78 19.43
CA LEU B 37 6.61 -4.01 19.31
C LEU B 37 6.73 -4.76 20.62
N LEU B 38 5.60 -5.28 21.09
CA LEU B 38 5.59 -5.99 22.36
C LEU B 38 6.25 -7.34 22.26
N GLU B 39 7.26 -7.55 23.09
CA GLU B 39 8.09 -8.74 23.17
C GLU B 39 7.28 -10.04 23.14
N GLY B 40 7.44 -10.84 22.08
CA GLY B 40 6.71 -12.11 21.97
C GLY B 40 5.27 -11.99 21.48
N GLY B 41 4.83 -10.77 21.21
CA GLY B 41 3.48 -10.49 20.72
C GLY B 41 3.24 -10.99 19.31
N LEU B 42 2.07 -10.67 18.75
CA LEU B 42 1.73 -11.14 17.41
C LEU B 42 2.64 -10.53 16.34
N ALA B 43 2.79 -9.21 16.36
CA ALA B 43 3.60 -8.46 15.41
C ALA B 43 5.07 -8.74 15.59
N ALA B 44 5.51 -8.89 16.84
CA ALA B 44 6.90 -9.17 17.11
C ALA B 44 7.29 -10.57 16.64
N GLN B 45 6.36 -11.55 16.72
CA GLN B 45 6.65 -12.90 16.25
C GLN B 45 6.74 -12.96 14.73
N ASP B 46 5.94 -12.14 14.04
CA ASP B 46 5.98 -12.02 12.59
C ASP B 46 7.35 -11.44 12.19
N GLY B 47 7.79 -10.40 12.90
CA GLY B 47 9.09 -9.78 12.70
C GLY B 47 9.18 -8.82 11.53
N ARG B 48 8.17 -8.81 10.65
CA ARG B 48 8.17 -7.93 9.50
C ARG B 48 8.09 -6.48 9.95
N LEU B 49 7.26 -6.16 10.94
CA LEU B 49 7.18 -4.79 11.44
C LEU B 49 8.38 -4.40 12.33
N SER B 50 8.57 -3.10 12.57
CA SER B 50 9.69 -2.57 13.36
C SER B 50 9.35 -1.18 13.95
N SER B 51 10.12 -0.72 14.93
CA SER B 51 9.93 0.61 15.50
C SER B 51 10.23 1.67 14.42
N ASN B 52 9.54 2.82 14.50
CA ASN B 52 9.63 3.97 13.57
C ASN B 52 8.88 3.75 12.24
N ASP B 53 8.18 2.62 12.09
CA ASP B 53 7.37 2.40 10.90
C ASP B 53 6.12 3.29 10.98
N ARG B 54 5.50 3.56 9.84
CA ARG B 54 4.32 4.40 9.81
C ARG B 54 3.18 3.58 9.28
N VAL B 55 2.07 3.53 10.00
CA VAL B 55 0.92 2.76 9.54
C VAL B 55 0.09 3.60 8.57
N LEU B 56 0.25 3.35 7.27
CA LEU B 56 -0.47 4.10 6.23
C LEU B 56 -1.92 3.66 6.11
N ALA B 57 -2.22 2.38 6.36
CA ALA B 57 -3.57 1.84 6.28
C ALA B 57 -3.68 0.50 6.98
N ILE B 58 -4.85 0.18 7.53
CA ILE B 58 -5.12 -1.10 8.16
C ILE B 58 -6.38 -1.61 7.51
N ASN B 59 -6.31 -2.74 6.83
CA ASN B 59 -7.43 -3.36 6.12
C ASN B 59 -8.00 -2.42 5.07
N GLY B 60 -7.14 -1.70 4.37
CA GLY B 60 -7.56 -0.76 3.34
C GLY B 60 -8.11 0.56 3.86
N HIS B 61 -8.21 0.73 5.17
CA HIS B 61 -8.72 1.96 5.76
C HIS B 61 -7.59 2.93 5.90
N ASP B 62 -7.67 4.07 5.22
CA ASP B 62 -6.65 5.09 5.22
C ASP B 62 -6.35 5.69 6.59
N LEU B 63 -5.11 5.49 7.03
CA LEU B 63 -4.61 6.03 8.30
C LEU B 63 -3.48 7.03 8.08
N LYS B 64 -3.41 7.65 6.88
CA LYS B 64 -2.38 8.62 6.52
C LYS B 64 -2.47 9.81 7.48
N TYR B 65 -3.67 10.35 7.67
CA TYR B 65 -3.88 11.43 8.62
C TYR B 65 -4.72 10.95 9.82
N GLY B 66 -4.54 9.69 10.20
CA GLY B 66 -5.27 9.06 11.29
C GLY B 66 -4.73 9.32 12.67
N THR B 67 -5.31 8.63 13.65
CA THR B 67 -4.94 8.68 15.07
C THR B 67 -4.79 7.25 15.59
N PRO B 68 -3.99 6.99 16.65
CA PRO B 68 -3.89 5.60 17.16
C PRO B 68 -5.22 5.04 17.64
N GLU B 69 -6.15 5.91 18.06
CA GLU B 69 -7.49 5.52 18.49
C GLU B 69 -8.24 4.92 17.29
N LEU B 70 -8.22 5.61 16.13
CA LEU B 70 -8.89 5.12 14.92
C LEU B 70 -8.29 3.81 14.47
N ALA B 71 -6.96 3.67 14.56
CA ALA B 71 -6.28 2.43 14.19
C ALA B 71 -6.75 1.27 15.06
N ALA B 72 -6.87 1.49 16.38
CA ALA B 72 -7.33 0.50 17.34
C ALA B 72 -8.77 0.10 17.09
N GLN B 73 -9.60 1.06 16.70
CA GLN B 73 -11.01 0.86 16.37
C GLN B 73 -11.10 -0.09 15.16
N ILE B 74 -10.25 0.12 14.14
CA ILE B 74 -10.25 -0.70 12.95
C ILE B 74 -9.75 -2.10 13.27
N ILE B 75 -8.73 -2.22 14.14
CA ILE B 75 -8.20 -3.51 14.56
C ILE B 75 -9.21 -4.31 15.37
N GLN B 76 -10.01 -3.61 16.19
CA GLN B 76 -11.03 -4.27 17.01
C GLN B 76 -12.21 -4.72 16.15
N ALA B 77 -12.59 -3.92 15.15
CA ALA B 77 -13.69 -4.24 14.26
C ALA B 77 -13.32 -5.26 13.17
N SER B 78 -12.02 -5.43 12.89
CA SER B 78 -11.53 -6.35 11.86
C SER B 78 -11.73 -7.83 12.26
N GLY B 79 -11.63 -8.72 11.28
CA GLY B 79 -11.72 -10.15 11.54
C GLY B 79 -10.39 -10.67 12.08
N GLU B 80 -10.03 -11.91 11.71
CA GLU B 80 -8.78 -12.48 12.18
C GLU B 80 -7.59 -11.91 11.42
N ARG B 81 -7.76 -11.55 10.13
CA ARG B 81 -6.66 -10.99 9.36
C ARG B 81 -6.63 -9.49 9.51
N VAL B 82 -5.49 -8.96 9.94
CA VAL B 82 -5.31 -7.54 10.06
C VAL B 82 -4.24 -7.18 9.07
N ASN B 83 -4.59 -6.38 8.08
CA ASN B 83 -3.66 -6.01 7.02
C ASN B 83 -3.08 -4.63 7.15
N LEU B 84 -1.84 -4.52 7.59
CA LEU B 84 -1.19 -3.22 7.70
C LEU B 84 -0.36 -2.92 6.45
N THR B 85 -0.43 -1.66 6.00
CA THR B 85 0.36 -1.10 4.89
C THR B 85 1.32 -0.15 5.58
N ILE B 86 2.60 -0.42 5.52
CA ILE B 86 3.60 0.32 6.28
C ILE B 86 4.57 1.13 5.45
N ALA B 87 4.92 2.31 5.94
CA ALA B 87 5.93 3.15 5.30
C ALA B 87 7.12 3.22 6.26
N ARG B 88 8.21 2.59 5.87
CA ARG B 88 9.42 2.55 6.68
C ARG B 88 10.36 3.60 6.16
N PRO B 89 10.87 4.48 7.02
CA PRO B 89 11.76 5.54 6.55
C PRO B 89 13.03 5.04 5.86
N GLY B 90 13.63 5.95 5.08
CA GLY B 90 14.81 5.77 4.24
C GLY B 90 15.99 5.02 4.80
N LYS B 91 17.22 5.58 4.65
CA LYS B 91 18.43 4.93 5.15
C LYS B 91 18.58 5.04 6.69
N PRO C 8 -9.14 -5.32 -2.94
CA PRO C 8 -8.77 -6.42 -3.86
C PRO C 8 -8.71 -5.99 -5.34
N ASP C 9 -9.50 -4.95 -5.73
CA ASP C 9 -9.65 -4.41 -7.10
C ASP C 9 -9.87 -2.88 -7.05
N LEU C 10 -8.79 -2.08 -7.10
CA LEU C 10 -8.90 -0.63 -6.98
C LEU C 10 -8.80 0.16 -8.28
N LEU C 11 -9.25 1.41 -8.25
CA LEU C 11 -9.06 2.37 -9.32
C LEU C 11 -8.02 3.30 -8.70
N VAL C 12 -6.85 3.39 -9.33
CA VAL C 12 -5.77 4.21 -8.79
C VAL C 12 -5.52 5.48 -9.63
N PRO D 8 3.44 3.88 26.04
CA PRO D 8 2.92 4.40 24.77
C PRO D 8 1.60 5.18 24.93
N ASP D 9 1.14 5.82 23.84
CA ASP D 9 -0.17 6.48 23.87
C ASP D 9 -1.31 5.50 23.42
N LEU D 10 -0.98 4.18 23.19
CA LEU D 10 -1.88 3.07 22.85
C LEU D 10 -1.14 1.75 22.61
N LEU D 11 -1.82 0.64 22.90
CA LEU D 11 -1.36 -0.71 22.65
C LEU D 11 -2.55 -1.34 21.94
N VAL D 12 -2.37 -1.72 20.66
CA VAL D 12 -3.46 -2.28 19.88
C VAL D 12 -3.39 -3.80 19.73
#